data_3VNQ
#
_entry.id   3VNQ
#
_cell.length_a   156.146
_cell.length_b   156.146
_cell.length_c   156.146
_cell.angle_alpha   90.00
_cell.angle_beta   90.00
_cell.angle_gamma   90.00
#
_symmetry.space_group_name_H-M   'I 2 3'
#
loop_
_entity.id
_entity.type
_entity.pdbx_description
1 polymer 'NRPS adenylation protein CytC1'
2 non-polymer "ADENOSINE-5'-TRIPHOSPHATE"
3 water water
#
_entity_poly.entity_id   1
_entity_poly.type   'polypeptide(L)'
_entity_poly.pdbx_seq_one_letter_code
;MGSSHHHHHHSSGLVPRGSHMLLQSMTSDPIARNSDLVSLFREVAATAPERTALSAEDDRISYGRLDAWSDAVARTLLAE
GVRPGDRVALRMSPGAEAIVAILAILKCGAAYVPVDLRNPVSRSDFILADSGASALIGEPHEGCAVTRVVRTAAVAECKD
AEPGPVTGAPGPGAEDMAYVIYTSGTTGNPKGVPVRHANVLALLAGAPSVFDFSGDDRWLLFHSLSFDFSVWEIWGAFST
GAELVVLPHWAARTPEQYLAVIIDRGVTVINQTPTAFLALTEAAVRGGRDVSGLRYVIFGGEKLTAPMLRPWAKAFGLDR
PRLVNGYGITETTVFTTFEEITEAYLAQDASIIGRALPSFGTRVVGDDGRDVAPGETGELWLSGAQLAEGYLRRPELTAE
KFPEVTDEKTGESVRYYRTGDLVSELPDGRFAYEGRADLQIKLRGYRIELSDIETAVRRHDDVVDAVVTVREFKPGDLRL
VCAYVAREGSATTARELRNHIKTLLPAYMHPARYLPLPGLPRTVNGKVDRAAVARSWEEEVARS
;
_entity_poly.pdbx_strand_id   A
#
# COMPACT_ATOMS: atom_id res chain seq x y z
N THR A 27 24.46 19.45 7.01
CA THR A 27 23.62 18.58 7.84
C THR A 27 24.22 17.18 8.01
N SER A 28 24.02 16.59 9.19
CA SER A 28 24.46 15.21 9.42
C SER A 28 23.48 14.14 8.90
N ASP A 29 22.25 14.56 8.60
CA ASP A 29 21.18 13.61 8.28
C ASP A 29 21.35 12.98 6.88
N PRO A 30 21.57 11.65 6.79
CA PRO A 30 21.81 11.03 5.49
C PRO A 30 20.61 11.17 4.56
N ILE A 31 19.42 11.28 5.13
CA ILE A 31 18.24 11.40 4.29
C ILE A 31 18.24 12.74 3.57
N ALA A 32 18.59 13.81 4.27
CA ALA A 32 18.57 15.15 3.69
C ALA A 32 19.75 15.31 2.74
N ARG A 33 20.83 14.63 3.05
CA ARG A 33 22.07 14.84 2.33
C ARG A 33 22.22 14.02 1.04
N ASN A 34 21.36 13.04 0.83
CA ASN A 34 21.50 12.20 -0.35
C ASN A 34 20.33 12.41 -1.30
N SER A 35 20.60 12.34 -2.60
CA SER A 35 19.56 12.62 -3.58
C SER A 35 19.13 11.38 -4.38
N ASP A 36 19.67 10.21 -4.04
CA ASP A 36 19.16 8.95 -4.62
C ASP A 36 19.27 7.78 -3.62
N LEU A 37 18.55 6.69 -3.85
CA LEU A 37 18.44 5.61 -2.84
C LEU A 37 19.74 4.83 -2.71
N VAL A 38 20.50 4.73 -3.81
CA VAL A 38 21.76 3.99 -3.77
C VAL A 38 22.81 4.71 -2.92
N SER A 39 22.99 6.02 -3.15
CA SER A 39 23.86 6.83 -2.28
C SER A 39 23.42 6.81 -0.81
N LEU A 40 22.12 6.96 -0.57
CA LEU A 40 21.60 6.86 0.78
C LEU A 40 21.99 5.51 1.42
N PHE A 41 21.65 4.42 0.74
CA PHE A 41 21.97 3.10 1.29
C PHE A 41 23.45 2.94 1.58
N ARG A 42 24.29 3.31 0.62
CA ARG A 42 25.73 3.11 0.78
C ARG A 42 26.27 3.89 1.96
N GLU A 43 25.78 5.12 2.15
CA GLU A 43 26.20 5.92 3.28
C GLU A 43 25.74 5.29 4.61
N VAL A 44 24.46 4.94 4.71
CA VAL A 44 23.97 4.28 5.92
C VAL A 44 24.79 3.00 6.23
N ALA A 45 25.05 2.18 5.21
CA ALA A 45 25.83 0.96 5.39
C ALA A 45 27.27 1.25 5.81
N ALA A 46 27.93 2.22 5.15
CA ALA A 46 29.36 2.46 5.38
C ALA A 46 29.58 3.04 6.77
N THR A 47 28.60 3.79 7.24
CA THR A 47 28.68 4.41 8.55
C THR A 47 28.68 3.43 9.73
N ALA A 48 27.94 2.34 9.60
CA ALA A 48 27.84 1.38 10.69
C ALA A 48 27.57 0.00 10.11
N PRO A 49 28.58 -0.59 9.43
CA PRO A 49 28.31 -1.72 8.56
C PRO A 49 28.08 -3.03 9.31
N GLU A 50 28.36 -3.06 10.61
CA GLU A 50 28.16 -4.31 11.35
C GLU A 50 26.73 -4.42 11.85
N ARG A 51 25.99 -3.31 11.86
CA ARG A 51 24.59 -3.33 12.28
C ARG A 51 23.77 -4.22 11.34
N THR A 52 22.70 -4.79 11.85
CA THR A 52 21.88 -5.73 11.07
C THR A 52 20.91 -5.00 10.13
N ALA A 53 20.98 -5.31 8.84
CA ALA A 53 20.11 -4.65 7.86
C ALA A 53 18.88 -5.51 7.64
N LEU A 54 19.07 -6.82 7.73
CA LEU A 54 18.04 -7.74 7.27
C LEU A 54 18.19 -9.02 8.07
N SER A 55 17.09 -9.59 8.55
CA SER A 55 17.19 -10.90 9.21
C SER A 55 16.14 -11.87 8.70
N ALA A 56 16.56 -13.12 8.58
CA ALA A 56 15.66 -14.20 8.18
C ALA A 56 15.87 -15.32 9.19
N GLU A 57 14.89 -15.50 10.07
CA GLU A 57 15.02 -16.36 11.25
C GLU A 57 16.20 -15.88 12.10
N ASP A 58 17.17 -16.75 12.37
CA ASP A 58 18.37 -16.35 13.13
C ASP A 58 19.49 -15.87 12.18
N ASP A 59 19.30 -15.97 10.86
CA ASP A 59 20.30 -15.48 9.92
C ASP A 59 20.24 -13.95 9.82
N ARG A 60 21.31 -13.32 10.27
CA ARG A 60 21.39 -11.86 10.29
C ARG A 60 22.39 -11.40 9.24
N ILE A 61 21.94 -10.54 8.34
CA ILE A 61 22.80 -9.95 7.32
C ILE A 61 23.08 -8.51 7.70
N SER A 62 24.35 -8.19 7.95
CA SER A 62 24.76 -6.83 8.31
C SER A 62 24.61 -5.88 7.11
N TYR A 63 24.62 -4.58 7.38
CA TYR A 63 24.64 -3.59 6.31
C TYR A 63 25.85 -3.81 5.40
N GLY A 64 27.05 -4.01 5.98
CA GLY A 64 28.25 -4.27 5.18
C GLY A 64 28.10 -5.48 4.26
N ARG A 65 27.63 -6.58 4.83
CA ARG A 65 27.38 -7.81 4.06
C ARG A 65 26.41 -7.57 2.91
N LEU A 66 25.28 -6.95 3.22
CA LEU A 66 24.23 -6.63 2.23
C LEU A 66 24.79 -5.74 1.10
N ASP A 67 25.60 -4.76 1.49
CA ASP A 67 26.21 -3.84 0.53
C ASP A 67 27.13 -4.58 -0.44
N ALA A 68 28.08 -5.36 0.10
CA ALA A 68 28.99 -6.16 -0.75
C ALA A 68 28.25 -7.20 -1.59
N TRP A 69 27.25 -7.84 -0.99
CA TRP A 69 26.48 -8.87 -1.67
C TRP A 69 25.78 -8.28 -2.89
N SER A 70 25.09 -7.15 -2.68
CA SER A 70 24.38 -6.49 -3.76
C SER A 70 25.32 -5.91 -4.84
N ASP A 71 26.53 -5.44 -4.46
CA ASP A 71 27.57 -5.09 -5.43
C ASP A 71 27.93 -6.30 -6.31
N ALA A 72 28.11 -7.48 -5.71
CA ALA A 72 28.46 -8.69 -6.46
C ALA A 72 27.34 -9.11 -7.40
N VAL A 73 26.10 -9.05 -6.92
CA VAL A 73 24.98 -9.31 -7.79
C VAL A 73 24.86 -8.30 -8.93
N ALA A 74 25.15 -7.03 -8.66
CA ALA A 74 25.13 -5.99 -9.68
C ALA A 74 26.12 -6.32 -10.82
N ARG A 75 27.31 -6.79 -10.47
CA ARG A 75 28.29 -7.20 -11.48
C ARG A 75 27.71 -8.31 -12.34
N THR A 76 27.02 -9.25 -11.70
CA THR A 76 26.32 -10.29 -12.42
C THR A 76 25.28 -9.72 -13.39
N LEU A 77 24.56 -8.68 -12.98
CA LEU A 77 23.56 -8.06 -13.85
C LEU A 77 24.22 -7.31 -15.02
N LEU A 78 25.37 -6.69 -14.75
CA LEU A 78 26.10 -5.99 -15.79
C LEU A 78 26.48 -6.95 -16.92
N ALA A 79 26.82 -8.18 -16.53
CA ALA A 79 27.18 -9.23 -17.47
C ALA A 79 25.99 -9.74 -18.30
N GLU A 80 24.79 -9.59 -17.76
CA GLU A 80 23.58 -9.90 -18.51
C GLU A 80 23.13 -8.67 -19.30
N GLY A 81 23.97 -7.64 -19.30
CA GLY A 81 23.71 -6.45 -20.08
C GLY A 81 22.85 -5.37 -19.43
N VAL A 82 22.52 -5.52 -18.15
CA VAL A 82 21.72 -4.49 -17.47
C VAL A 82 22.51 -3.20 -17.42
N ARG A 83 21.85 -2.10 -17.81
CA ARG A 83 22.50 -0.78 -17.87
C ARG A 83 21.54 0.28 -17.33
N PRO A 84 22.07 1.47 -17.01
CA PRO A 84 21.24 2.55 -16.48
C PRO A 84 20.02 2.78 -17.38
N GLY A 85 18.87 3.07 -16.76
CA GLY A 85 17.63 3.20 -17.50
C GLY A 85 16.86 1.92 -17.85
N ASP A 86 17.50 0.76 -17.71
CA ASP A 86 16.78 -0.50 -17.94
C ASP A 86 15.65 -0.71 -16.95
N ARG A 87 14.67 -1.54 -17.32
CA ARG A 87 13.69 -2.05 -16.38
C ARG A 87 13.91 -3.56 -16.26
N VAL A 88 14.14 -4.01 -15.03
CA VAL A 88 14.47 -5.41 -14.78
C VAL A 88 13.34 -5.96 -13.95
N ALA A 89 12.75 -7.05 -14.44
CA ALA A 89 11.68 -7.72 -13.75
C ALA A 89 12.20 -8.46 -12.53
N LEU A 90 11.39 -8.50 -11.49
CA LEU A 90 11.75 -9.18 -10.27
C LEU A 90 10.59 -10.07 -9.89
N ARG A 91 10.83 -11.37 -9.84
CA ARG A 91 9.78 -12.28 -9.45
C ARG A 91 10.29 -13.21 -8.33
N MET A 92 10.11 -12.74 -7.09
CA MET A 92 10.63 -13.40 -5.90
C MET A 92 9.69 -13.13 -4.74
N SER A 93 9.68 -14.04 -3.77
CA SER A 93 9.03 -13.78 -2.48
C SER A 93 9.82 -12.74 -1.73
N PRO A 94 9.14 -11.92 -0.89
CA PRO A 94 9.95 -11.03 -0.05
C PRO A 94 10.86 -11.89 0.83
N GLY A 95 12.16 -11.62 0.75
CA GLY A 95 13.18 -12.40 1.41
C GLY A 95 14.50 -11.69 1.17
N ALA A 96 15.56 -12.23 1.75
CA ALA A 96 16.89 -11.63 1.64
C ALA A 96 17.35 -11.52 0.19
N GLU A 97 17.22 -12.61 -0.57
CA GLU A 97 17.60 -12.59 -1.98
C GLU A 97 16.87 -11.50 -2.77
N ALA A 98 15.57 -11.36 -2.57
CA ALA A 98 14.79 -10.34 -3.24
C ALA A 98 15.28 -8.92 -2.92
N ILE A 99 15.70 -8.69 -1.69
CA ILE A 99 16.18 -7.37 -1.29
C ILE A 99 17.55 -7.08 -1.90
N VAL A 100 18.40 -8.10 -1.95
CA VAL A 100 19.72 -8.01 -2.60
C VAL A 100 19.53 -7.69 -4.08
N ALA A 101 18.58 -8.38 -4.71
CA ALA A 101 18.25 -8.17 -6.11
C ALA A 101 17.75 -6.74 -6.39
N ILE A 102 16.87 -6.21 -5.55
CA ILE A 102 16.46 -4.82 -5.66
C ILE A 102 17.66 -3.87 -5.59
N LEU A 103 18.50 -4.03 -4.58
CA LEU A 103 19.66 -3.15 -4.45
C LEU A 103 20.60 -3.26 -5.65
N ALA A 104 20.80 -4.49 -6.14
CA ALA A 104 21.66 -4.74 -7.29
C ALA A 104 21.12 -4.05 -8.54
N ILE A 105 19.83 -4.20 -8.81
CA ILE A 105 19.18 -3.52 -9.93
C ILE A 105 19.39 -2.01 -9.81
N LEU A 106 19.10 -1.45 -8.63
CA LEU A 106 19.19 -0.02 -8.43
C LEU A 106 20.62 0.49 -8.62
N LYS A 107 21.59 -0.28 -8.13
CA LYS A 107 22.99 0.10 -8.21
C LYS A 107 23.49 0.12 -9.68
N CYS A 108 22.86 -0.67 -10.53
CA CYS A 108 23.15 -0.64 -11.97
C CYS A 108 22.48 0.54 -12.64
N GLY A 109 21.71 1.30 -11.87
CA GLY A 109 21.06 2.50 -12.36
C GLY A 109 19.77 2.16 -13.07
N ALA A 110 19.28 0.95 -12.83
CA ALA A 110 18.07 0.43 -13.45
C ALA A 110 16.90 0.52 -12.48
N ALA A 111 15.69 0.27 -12.99
CA ALA A 111 14.50 0.25 -12.14
C ALA A 111 13.97 -1.18 -12.06
N TYR A 112 13.43 -1.58 -10.91
CA TYR A 112 12.85 -2.92 -10.86
C TYR A 112 11.37 -2.91 -11.14
N VAL A 113 10.90 -4.00 -11.75
CA VAL A 113 9.48 -4.12 -12.06
C VAL A 113 9.00 -5.40 -11.39
N PRO A 114 8.41 -5.26 -10.20
CA PRO A 114 8.10 -6.46 -9.43
C PRO A 114 6.87 -7.16 -9.95
N VAL A 115 6.98 -8.47 -10.07
CA VAL A 115 5.90 -9.31 -10.56
C VAL A 115 5.37 -10.17 -9.40
N ASP A 116 4.16 -9.86 -8.95
CA ASP A 116 3.51 -10.62 -7.88
C ASP A 116 3.45 -12.11 -8.24
N LEU A 117 3.97 -12.97 -7.39
CA LEU A 117 3.95 -14.41 -7.65
C LEU A 117 2.53 -14.95 -7.90
N ARG A 118 1.55 -14.31 -7.29
CA ARG A 118 0.15 -14.74 -7.39
C ARG A 118 -0.61 -14.09 -8.56
N ASN A 119 0.08 -13.34 -9.41
CA ASN A 119 -0.59 -12.74 -10.58
C ASN A 119 -1.28 -13.81 -11.41
N PRO A 120 -2.47 -13.47 -11.96
CA PRO A 120 -2.92 -14.28 -13.09
C PRO A 120 -1.81 -14.20 -14.13
N VAL A 121 -1.57 -15.28 -14.86
CA VAL A 121 -0.50 -15.25 -15.87
C VAL A 121 -0.63 -14.06 -16.80
N SER A 122 -1.87 -13.72 -17.17
CA SER A 122 -2.08 -12.65 -18.14
C SER A 122 -1.62 -11.28 -17.63
N ARG A 123 -1.69 -11.07 -16.31
CA ARG A 123 -1.24 -9.80 -15.71
C ARG A 123 0.29 -9.72 -15.73
N SER A 124 0.94 -10.83 -15.42
CA SER A 124 2.39 -10.88 -15.48
C SER A 124 2.86 -10.71 -16.92
N ASP A 125 2.20 -11.39 -17.86
CA ASP A 125 2.53 -11.23 -19.28
C ASP A 125 2.45 -9.79 -19.72
N PHE A 126 1.41 -9.09 -19.28
CA PHE A 126 1.17 -7.71 -19.70
C PHE A 126 2.18 -6.75 -19.08
N ILE A 127 2.51 -7.00 -17.83
CA ILE A 127 3.43 -6.14 -17.12
C ILE A 127 4.81 -6.18 -17.81
N LEU A 128 5.24 -7.38 -18.17
CA LEU A 128 6.53 -7.55 -18.80
C LEU A 128 6.59 -6.96 -20.22
N ALA A 129 5.56 -7.18 -21.02
CA ALA A 129 5.46 -6.57 -22.35
C ALA A 129 5.38 -5.04 -22.22
N ASP A 130 4.47 -4.55 -21.38
CA ASP A 130 4.27 -3.11 -21.21
C ASP A 130 5.54 -2.36 -20.77
N SER A 131 6.26 -2.93 -19.81
CA SER A 131 7.42 -2.29 -19.23
C SER A 131 8.68 -2.51 -20.08
N GLY A 132 8.60 -3.42 -21.05
CA GLY A 132 9.76 -3.73 -21.86
C GLY A 132 10.91 -4.31 -21.06
N ALA A 133 10.58 -5.01 -19.98
CA ALA A 133 11.63 -5.61 -19.12
C ALA A 133 12.64 -6.35 -19.98
N SER A 134 13.92 -6.04 -19.79
CA SER A 134 14.98 -6.65 -20.60
C SER A 134 15.70 -7.80 -19.89
N ALA A 135 15.33 -8.04 -18.64
CA ALA A 135 15.83 -9.18 -17.87
C ALA A 135 14.90 -9.42 -16.70
N LEU A 136 15.06 -10.58 -16.06
CA LEU A 136 14.27 -10.91 -14.87
C LEU A 136 15.19 -11.54 -13.86
N ILE A 137 15.05 -11.13 -12.60
CA ILE A 137 15.78 -11.79 -11.53
C ILE A 137 14.78 -12.62 -10.75
N GLY A 138 15.13 -13.87 -10.46
CA GLY A 138 14.25 -14.72 -9.69
C GLY A 138 13.77 -15.90 -10.51
N GLU A 139 12.50 -16.22 -10.36
CA GLU A 139 11.94 -17.40 -11.03
C GLU A 139 10.82 -16.99 -12.00
N PRO A 140 10.99 -17.31 -13.30
CA PRO A 140 10.03 -16.87 -14.34
C PRO A 140 8.66 -17.55 -14.20
N HIS A 141 7.57 -16.81 -14.41
CA HIS A 141 6.26 -17.44 -14.37
C HIS A 141 6.07 -18.35 -15.58
N GLU A 142 5.11 -19.28 -15.48
CA GLU A 142 4.88 -20.25 -16.55
C GLU A 142 4.44 -19.53 -17.83
N GLY A 143 5.21 -19.70 -18.90
CA GLY A 143 4.96 -19.02 -20.15
C GLY A 143 5.61 -17.65 -20.26
N CYS A 144 6.59 -17.39 -19.39
CA CYS A 144 7.21 -16.07 -19.35
C CYS A 144 8.02 -15.79 -20.62
N ALA A 145 7.74 -14.63 -21.22
CA ALA A 145 8.38 -14.23 -22.48
C ALA A 145 9.77 -13.65 -22.27
N VAL A 146 10.10 -13.24 -21.05
CA VAL A 146 11.47 -12.79 -20.77
C VAL A 146 12.37 -14.00 -20.48
N THR A 147 13.39 -14.18 -21.32
CA THR A 147 14.19 -15.40 -21.26
C THR A 147 15.60 -15.14 -20.74
N ARG A 148 15.93 -13.86 -20.58
CA ARG A 148 17.20 -13.48 -19.98
C ARG A 148 17.00 -13.44 -18.47
N VAL A 149 17.41 -14.51 -17.79
CA VAL A 149 17.05 -14.72 -16.38
C VAL A 149 18.28 -14.90 -15.46
N VAL A 150 18.28 -14.19 -14.33
CA VAL A 150 19.23 -14.47 -13.25
C VAL A 150 18.49 -15.17 -12.11
N ARG A 151 18.73 -16.47 -11.94
CA ARG A 151 17.93 -17.27 -11.00
C ARG A 151 18.27 -16.91 -9.56
N THR A 152 17.35 -17.22 -8.65
CA THR A 152 17.56 -16.96 -7.23
C THR A 152 18.86 -17.60 -6.78
N ALA A 153 19.14 -18.80 -7.31
CA ALA A 153 20.36 -19.51 -6.96
C ALA A 153 21.60 -18.67 -7.29
N ALA A 154 21.58 -17.94 -8.39
CA ALA A 154 22.73 -17.11 -8.75
C ALA A 154 22.87 -15.89 -7.80
N VAL A 155 21.76 -15.41 -7.27
CA VAL A 155 21.81 -14.38 -6.24
C VAL A 155 22.45 -14.95 -4.94
N ALA A 156 21.96 -16.08 -4.47
CA ALA A 156 22.51 -16.75 -3.28
C ALA A 156 24.01 -17.04 -3.39
N GLU A 157 24.45 -17.48 -4.56
CA GLU A 157 25.87 -17.71 -4.82
C GLU A 157 26.81 -16.52 -4.57
N CYS A 158 26.29 -15.30 -4.64
CA CYS A 158 27.11 -14.10 -4.43
C CYS A 158 27.23 -13.70 -2.95
N LYS A 159 26.58 -14.46 -2.09
CA LYS A 159 26.30 -14.02 -0.73
C LYS A 159 27.50 -13.55 0.09
N ASP A 160 28.57 -14.30 0.10
CA ASP A 160 29.69 -13.83 0.89
C ASP A 160 30.92 -13.65 0.00
N ALA A 161 30.79 -12.72 -0.96
CA ALA A 161 31.91 -12.27 -1.79
C ALA A 161 32.36 -10.86 -1.38
N GLU A 162 33.42 -10.36 -2.03
CA GLU A 162 33.98 -9.04 -1.68
C GLU A 162 33.31 -7.90 -2.45
N ALA A 169 31.00 3.34 -13.52
CA ALA A 169 29.59 3.58 -13.21
C ALA A 169 29.46 4.70 -12.20
N PRO A 170 28.47 5.58 -12.41
CA PRO A 170 28.19 6.67 -11.47
C PRO A 170 27.09 6.30 -10.47
N GLY A 171 26.34 5.23 -10.73
CA GLY A 171 25.15 4.92 -9.96
C GLY A 171 24.01 5.82 -10.39
N PRO A 172 22.79 5.59 -9.87
CA PRO A 172 21.66 6.39 -10.37
C PRO A 172 21.66 7.83 -9.84
N GLY A 173 20.94 8.71 -10.54
CA GLY A 173 20.74 10.08 -10.07
C GLY A 173 19.33 10.27 -9.55
N ALA A 174 19.08 11.44 -8.95
CA ALA A 174 17.78 11.80 -8.41
C ALA A 174 16.66 11.53 -9.40
N GLU A 175 16.91 11.83 -10.66
CA GLU A 175 15.86 11.78 -11.67
C GLU A 175 15.67 10.43 -12.34
N ASP A 176 16.55 9.49 -12.08
CA ASP A 176 16.36 8.12 -12.56
C ASP A 176 15.23 7.36 -11.85
N MET A 177 14.60 6.45 -12.58
CA MET A 177 13.55 5.58 -12.09
C MET A 177 14.12 4.53 -11.14
N ALA A 178 13.40 4.29 -10.04
CA ALA A 178 13.77 3.25 -9.09
C ALA A 178 12.93 2.00 -9.28
N TYR A 179 11.64 2.18 -9.57
CA TYR A 179 10.77 1.04 -9.84
C TYR A 179 9.57 1.39 -10.69
N VAL A 180 8.95 0.37 -11.29
CA VAL A 180 7.66 0.56 -11.95
C VAL A 180 6.67 -0.40 -11.31
N ILE A 181 5.71 0.16 -10.60
CA ILE A 181 4.63 -0.62 -10.04
C ILE A 181 3.35 -0.34 -10.83
N TYR A 182 2.59 -1.40 -11.08
CA TYR A 182 1.34 -1.31 -11.85
C TYR A 182 0.09 -1.22 -10.97
N THR A 183 -0.79 -0.29 -11.31
CA THR A 183 -2.10 -0.16 -10.66
C THR A 183 -2.92 -1.43 -10.90
N SER A 184 -4.00 -1.60 -10.15
CA SER A 184 -4.65 -2.90 -10.08
C SER A 184 -5.44 -3.28 -11.34
N GLY A 185 -5.78 -2.27 -12.15
CA GLY A 185 -6.52 -2.49 -13.38
C GLY A 185 -8.03 -2.45 -13.14
N THR A 186 -8.45 -1.72 -12.12
CA THR A 186 -9.87 -1.53 -11.82
C THR A 186 -10.65 -1.01 -13.05
N THR A 187 -10.16 0.07 -13.66
CA THR A 187 -10.87 0.73 -14.76
C THR A 187 -10.52 0.21 -16.16
N GLY A 188 -9.26 -0.19 -16.36
CA GLY A 188 -8.78 -0.66 -17.65
C GLY A 188 -7.50 -1.47 -17.49
N ASN A 189 -6.65 -1.49 -18.53
CA ASN A 189 -5.34 -2.14 -18.40
C ASN A 189 -4.61 -1.61 -17.18
N PRO A 190 -3.82 -2.48 -16.52
CA PRO A 190 -2.98 -1.95 -15.43
C PRO A 190 -2.16 -0.77 -15.94
N LYS A 191 -2.09 0.30 -15.17
CA LYS A 191 -1.27 1.45 -15.54
C LYS A 191 0.11 1.33 -14.88
N GLY A 192 1.18 1.42 -15.66
CA GLY A 192 2.54 1.31 -15.13
C GLY A 192 2.95 2.65 -14.58
N VAL A 193 3.40 2.66 -13.33
CA VAL A 193 3.80 3.90 -12.67
C VAL A 193 5.30 3.92 -12.34
N PRO A 194 6.09 4.63 -13.17
CA PRO A 194 7.53 4.77 -12.91
C PRO A 194 7.77 5.77 -11.79
N VAL A 195 8.47 5.36 -10.74
CA VAL A 195 8.72 6.21 -9.58
C VAL A 195 10.22 6.45 -9.54
N ARG A 196 10.61 7.71 -9.40
CA ARG A 196 12.01 8.11 -9.42
C ARG A 196 12.64 8.03 -8.04
N HIS A 197 13.97 7.95 -8.01
CA HIS A 197 14.70 8.11 -6.75
C HIS A 197 14.27 9.35 -5.95
N ALA A 198 14.13 10.49 -6.62
CA ALA A 198 13.72 11.73 -5.96
C ALA A 198 12.31 11.61 -5.32
N ASN A 199 11.40 10.91 -5.99
CA ASN A 199 10.08 10.65 -5.39
C ASN A 199 10.20 9.91 -4.03
N VAL A 200 11.00 8.86 -4.00
CA VAL A 200 11.11 8.06 -2.79
C VAL A 200 11.82 8.87 -1.71
N LEU A 201 12.89 9.57 -2.08
CA LEU A 201 13.57 10.44 -1.11
C LEU A 201 12.64 11.47 -0.48
N ALA A 202 11.69 12.00 -1.25
CA ALA A 202 10.77 13.00 -0.75
C ALA A 202 9.82 12.38 0.30
N LEU A 203 9.34 11.18 0.03
CA LEU A 203 8.52 10.46 1.02
C LEU A 203 9.31 10.21 2.31
N LEU A 204 10.53 9.67 2.17
CA LEU A 204 11.39 9.37 3.32
C LEU A 204 11.74 10.63 4.13
N ALA A 205 11.89 11.76 3.46
CA ALA A 205 12.18 13.03 4.13
C ALA A 205 10.91 13.55 4.84
N GLY A 206 9.75 13.20 4.31
CA GLY A 206 8.49 13.60 4.92
C GLY A 206 8.07 12.79 6.13
N ALA A 207 8.38 11.49 6.12
CA ALA A 207 7.98 10.58 7.21
C ALA A 207 8.28 11.09 8.65
N PRO A 208 9.45 11.69 8.87
CA PRO A 208 9.76 12.15 10.23
C PRO A 208 8.90 13.32 10.76
N SER A 209 8.03 13.88 9.92
CA SER A 209 7.05 14.85 10.42
C SER A 209 5.91 14.14 11.15
N VAL A 210 5.76 12.84 10.95
CA VAL A 210 4.70 12.07 11.61
C VAL A 210 5.27 10.97 12.52
N PHE A 211 6.35 10.34 12.08
CA PHE A 211 6.87 9.16 12.76
C PHE A 211 8.17 9.42 13.47
N ASP A 212 8.35 8.74 14.61
CA ASP A 212 9.60 8.78 15.33
C ASP A 212 10.33 7.44 15.09
N PHE A 213 11.13 7.40 14.02
CA PHE A 213 11.80 6.17 13.61
C PHE A 213 13.27 6.31 13.95
N SER A 214 13.92 5.20 14.30
CA SER A 214 15.36 5.22 14.45
C SER A 214 16.01 3.92 14.02
N GLY A 215 17.33 3.90 14.10
CA GLY A 215 18.13 2.75 13.77
C GLY A 215 17.88 1.53 14.64
N ASP A 216 17.31 1.74 15.83
CA ASP A 216 16.89 0.63 16.71
C ASP A 216 15.57 -0.07 16.35
N ASP A 217 14.81 0.45 15.40
CA ASP A 217 13.56 -0.19 15.03
C ASP A 217 13.80 -1.49 14.27
N ARG A 218 12.79 -2.34 14.27
CA ARG A 218 12.77 -3.52 13.46
C ARG A 218 11.47 -3.51 12.70
N TRP A 219 11.59 -3.50 11.37
CA TRP A 219 10.43 -3.41 10.47
C TRP A 219 10.14 -4.79 9.91
N LEU A 220 8.88 -5.20 9.92
CA LEU A 220 8.58 -6.49 9.32
C LEU A 220 8.52 -6.31 7.80
N LEU A 221 9.31 -7.09 7.07
CA LEU A 221 9.16 -7.18 5.62
C LEU A 221 8.05 -8.21 5.36
N PHE A 222 6.88 -7.72 4.94
CA PHE A 222 5.70 -8.56 4.81
C PHE A 222 5.12 -8.57 3.39
N HIS A 223 4.80 -7.39 2.88
CA HIS A 223 4.05 -7.30 1.63
C HIS A 223 4.77 -7.79 0.39
N SER A 224 3.98 -8.27 -0.57
CA SER A 224 4.44 -8.61 -1.89
C SER A 224 5.29 -7.46 -2.42
N LEU A 225 6.40 -7.78 -3.07
CA LEU A 225 7.28 -6.77 -3.64
C LEU A 225 6.57 -5.94 -4.69
N SER A 226 5.43 -6.44 -5.16
CA SER A 226 4.65 -5.76 -6.18
C SER A 226 3.72 -4.68 -5.62
N PHE A 227 3.65 -4.57 -4.30
CA PHE A 227 2.81 -3.59 -3.61
C PHE A 227 3.70 -2.46 -3.19
N ASP A 228 3.23 -1.21 -3.27
CA ASP A 228 4.14 -0.18 -2.81
C ASP A 228 4.31 -0.08 -1.28
N PHE A 229 3.46 -0.77 -0.52
CA PHE A 229 3.70 -0.97 0.91
C PHE A 229 5.10 -1.57 1.13
N SER A 230 5.51 -2.45 0.22
CA SER A 230 6.82 -3.10 0.26
C SER A 230 7.93 -2.05 0.15
N VAL A 231 7.72 -1.06 -0.72
CA VAL A 231 8.71 0.03 -0.90
C VAL A 231 8.90 0.79 0.39
N TRP A 232 7.79 1.08 1.06
CA TRP A 232 7.82 1.76 2.34
C TRP A 232 8.51 0.89 3.43
N GLU A 233 8.16 -0.39 3.49
CA GLU A 233 8.78 -1.29 4.46
C GLU A 233 10.29 -1.27 4.31
N ILE A 234 10.76 -1.47 3.08
CA ILE A 234 12.19 -1.58 2.78
C ILE A 234 12.95 -0.28 3.06
N TRP A 235 12.47 0.82 2.50
CA TRP A 235 13.21 2.09 2.61
C TRP A 235 12.95 2.83 3.92
N GLY A 236 11.81 2.57 4.53
CA GLY A 236 11.56 3.05 5.89
C GLY A 236 12.65 2.54 6.81
N ALA A 237 13.01 1.27 6.60
CA ALA A 237 14.05 0.64 7.44
C ALA A 237 15.44 1.07 7.01
N PHE A 238 15.75 0.90 5.72
CA PHE A 238 17.10 1.24 5.26
C PHE A 238 17.44 2.72 5.45
N SER A 239 16.47 3.62 5.31
CA SER A 239 16.77 5.04 5.37
C SER A 239 17.15 5.49 6.78
N THR A 240 16.76 4.70 7.78
CA THR A 240 17.05 5.01 9.18
C THR A 240 18.12 4.09 9.77
N GLY A 241 18.66 3.17 8.97
CA GLY A 241 19.66 2.23 9.50
C GLY A 241 19.05 1.14 10.36
N ALA A 242 17.74 0.91 10.19
CA ALA A 242 17.02 -0.05 11.03
C ALA A 242 17.11 -1.43 10.42
N GLU A 243 16.56 -2.43 11.11
CA GLU A 243 16.62 -3.81 10.63
C GLU A 243 15.31 -4.23 9.98
N LEU A 244 15.41 -4.90 8.84
CA LEU A 244 14.23 -5.45 8.18
C LEU A 244 14.09 -6.90 8.56
N VAL A 245 13.07 -7.24 9.33
CA VAL A 245 12.79 -8.63 9.66
C VAL A 245 11.94 -9.30 8.59
N VAL A 246 12.47 -10.35 7.98
CA VAL A 246 11.74 -11.07 6.96
C VAL A 246 10.74 -12.04 7.60
N LEU A 247 9.47 -12.02 7.16
CA LEU A 247 8.49 -12.99 7.62
C LEU A 247 8.83 -14.31 6.95
N PRO A 248 9.10 -15.35 7.74
CA PRO A 248 9.44 -16.63 7.11
C PRO A 248 8.25 -17.24 6.39
N HIS A 249 8.52 -18.03 5.36
CA HIS A 249 7.51 -18.75 4.61
C HIS A 249 6.58 -19.58 5.49
N TRP A 250 7.14 -20.25 6.50
CA TRP A 250 6.32 -21.00 7.45
C TRP A 250 5.29 -20.15 8.16
N ALA A 251 5.58 -18.85 8.34
CA ALA A 251 4.65 -17.96 9.04
C ALA A 251 3.73 -17.11 8.13
N ALA A 252 3.62 -17.47 6.86
CA ALA A 252 2.96 -16.61 5.88
C ALA A 252 1.45 -16.74 5.87
N ARG A 253 0.94 -17.73 6.57
CA ARG A 253 -0.45 -18.12 6.41
C ARG A 253 -1.45 -17.57 7.45
N THR A 254 -1.13 -17.63 8.74
CA THR A 254 -2.10 -17.21 9.75
C THR A 254 -1.63 -16.02 10.60
N PRO A 255 -2.58 -15.28 11.16
CA PRO A 255 -2.21 -14.19 12.08
C PRO A 255 -1.58 -14.70 13.37
N GLU A 256 -1.92 -15.91 13.82
CA GLU A 256 -1.20 -16.50 14.96
C GLU A 256 0.30 -16.66 14.64
N GLN A 257 0.63 -17.16 13.45
CA GLN A 257 2.03 -17.30 13.03
C GLN A 257 2.70 -15.93 12.89
N TYR A 258 1.98 -15.00 12.28
CA TYR A 258 2.43 -13.63 12.11
C TYR A 258 2.82 -13.01 13.46
N LEU A 259 1.92 -13.09 14.45
CA LEU A 259 2.20 -12.54 15.78
C LEU A 259 3.38 -13.22 16.42
N ALA A 260 3.42 -14.54 16.31
CA ALA A 260 4.50 -15.30 16.91
C ALA A 260 5.83 -14.74 16.43
N VAL A 261 5.94 -14.47 15.14
CA VAL A 261 7.21 -13.97 14.60
C VAL A 261 7.49 -12.53 15.02
N ILE A 262 6.48 -11.67 14.97
CA ILE A 262 6.77 -10.28 15.28
C ILE A 262 7.17 -10.13 16.75
N ILE A 263 6.54 -10.91 17.62
CA ILE A 263 6.89 -10.85 19.03
C ILE A 263 8.27 -11.49 19.26
N ASP A 264 8.47 -12.69 18.73
CA ASP A 264 9.75 -13.37 18.92
C ASP A 264 10.93 -12.56 18.36
N ARG A 265 10.79 -11.98 17.17
CA ARG A 265 11.90 -11.22 16.57
C ARG A 265 12.00 -9.76 17.02
N GLY A 266 11.16 -9.34 17.95
CA GLY A 266 11.22 -7.97 18.48
C GLY A 266 10.89 -6.88 17.44
N VAL A 267 9.97 -7.19 16.53
CA VAL A 267 9.50 -6.21 15.54
C VAL A 267 8.88 -4.98 16.23
N THR A 268 9.25 -3.78 15.77
CA THR A 268 8.67 -2.57 16.35
C THR A 268 7.74 -1.82 15.39
N VAL A 269 7.86 -2.11 14.11
CA VAL A 269 7.03 -1.43 13.09
C VAL A 269 6.38 -2.43 12.13
N ILE A 270 5.06 -2.46 12.12
CA ILE A 270 4.35 -3.24 11.14
C ILE A 270 3.40 -2.38 10.29
N ASN A 271 3.18 -2.84 9.08
CA ASN A 271 2.31 -2.17 8.12
C ASN A 271 1.19 -3.10 7.71
N GLN A 272 -0.06 -2.65 7.82
CA GLN A 272 -1.18 -3.56 7.61
C GLN A 272 -2.34 -2.93 6.89
N THR A 273 -3.10 -3.71 6.12
CA THR A 273 -4.39 -3.24 5.67
C THR A 273 -5.31 -3.27 6.89
N PRO A 274 -6.31 -2.38 6.94
CA PRO A 274 -7.27 -2.51 8.04
C PRO A 274 -7.88 -3.93 8.12
N THR A 275 -8.07 -4.60 6.99
CA THR A 275 -8.66 -5.95 7.03
C THR A 275 -7.76 -6.94 7.75
N ALA A 276 -6.47 -6.96 7.41
CA ALA A 276 -5.49 -7.80 8.11
C ALA A 276 -5.46 -7.51 9.62
N PHE A 277 -5.65 -6.25 9.98
CA PHE A 277 -5.60 -5.84 11.38
C PHE A 277 -6.74 -6.46 12.20
N LEU A 278 -7.88 -6.69 11.56
CA LEU A 278 -8.99 -7.35 12.22
C LEU A 278 -8.59 -8.73 12.71
N ALA A 279 -7.96 -9.49 11.84
CA ALA A 279 -7.59 -10.87 12.14
C ALA A 279 -6.43 -10.86 13.14
N LEU A 280 -5.53 -9.88 12.99
CA LEU A 280 -4.42 -9.72 13.92
C LEU A 280 -4.94 -9.47 15.33
N THR A 281 -5.89 -8.57 15.46
CA THR A 281 -6.42 -8.21 16.77
C THR A 281 -7.04 -9.43 17.42
N GLU A 282 -7.81 -10.16 16.63
CA GLU A 282 -8.53 -11.32 17.13
C GLU A 282 -7.54 -12.38 17.62
N ALA A 283 -6.49 -12.63 16.84
CA ALA A 283 -5.48 -13.61 17.25
C ALA A 283 -4.71 -13.16 18.50
N ALA A 284 -4.39 -11.87 18.60
CA ALA A 284 -3.67 -11.33 19.75
C ALA A 284 -4.49 -11.46 21.05
N VAL A 285 -5.77 -11.11 20.98
CA VAL A 285 -6.60 -11.12 22.17
C VAL A 285 -6.84 -12.57 22.60
N ARG A 286 -7.25 -13.40 21.66
CA ARG A 286 -7.55 -14.80 21.96
C ARG A 286 -6.32 -15.59 22.43
N GLY A 287 -5.18 -15.37 21.76
CA GLY A 287 -3.94 -16.04 22.12
C GLY A 287 -3.22 -15.45 23.32
N GLY A 288 -3.79 -14.43 23.94
CA GLY A 288 -3.14 -13.72 25.03
C GLY A 288 -1.73 -13.19 24.73
N ARG A 289 -1.49 -12.76 23.50
CA ARG A 289 -0.17 -12.26 23.11
C ARG A 289 0.17 -10.90 23.66
N ASP A 290 1.45 -10.67 23.86
CA ASP A 290 1.92 -9.36 24.26
C ASP A 290 2.33 -8.57 23.01
N VAL A 291 1.52 -7.58 22.65
CA VAL A 291 1.79 -6.75 21.48
C VAL A 291 2.56 -5.49 21.81
N SER A 292 2.92 -5.30 23.08
CA SER A 292 3.37 -3.97 23.51
C SER A 292 4.82 -3.68 23.12
N GLY A 293 5.50 -4.67 22.52
CA GLY A 293 6.81 -4.42 21.94
C GLY A 293 6.73 -3.60 20.65
N LEU A 294 5.60 -3.64 19.96
CA LEU A 294 5.41 -2.82 18.76
C LEU A 294 5.40 -1.35 19.15
N ARG A 295 6.01 -0.49 18.33
CA ARG A 295 5.91 0.96 18.51
C ARG A 295 4.89 1.59 17.55
N TYR A 296 4.78 1.05 16.34
CA TYR A 296 3.82 1.55 15.35
C TYR A 296 3.11 0.44 14.57
N VAL A 297 1.81 0.62 14.40
CA VAL A 297 1.05 -0.12 13.41
C VAL A 297 0.56 0.91 12.40
N ILE A 298 0.93 0.73 11.14
CA ILE A 298 0.61 1.70 10.11
C ILE A 298 -0.32 1.07 9.08
N PHE A 299 -1.45 1.73 8.83
CA PHE A 299 -2.49 1.21 7.94
C PHE A 299 -2.40 1.85 6.55
N GLY A 300 -2.76 1.08 5.53
CA GLY A 300 -2.88 1.63 4.19
C GLY A 300 -3.78 0.76 3.34
N GLY A 301 -4.25 1.29 2.22
CA GLY A 301 -4.95 0.44 1.27
C GLY A 301 -6.47 0.49 1.26
N GLU A 302 -7.08 0.76 2.42
CA GLU A 302 -8.53 0.64 2.62
C GLU A 302 -9.00 1.61 3.69
N LYS A 303 -10.31 1.85 3.73
CA LYS A 303 -10.92 2.66 4.79
C LYS A 303 -10.65 2.04 6.12
N LEU A 304 -10.41 2.90 7.09
CA LEU A 304 -10.19 2.47 8.45
C LEU A 304 -11.25 3.14 9.31
N THR A 305 -12.22 2.37 9.81
CA THR A 305 -13.26 2.93 10.65
C THR A 305 -13.12 2.44 12.09
N ALA A 306 -13.71 3.17 13.03
CA ALA A 306 -13.60 2.88 14.45
C ALA A 306 -14.00 1.44 14.86
N PRO A 307 -15.01 0.84 14.20
CA PRO A 307 -15.34 -0.56 14.56
C PRO A 307 -14.19 -1.55 14.33
N MET A 308 -13.27 -1.20 13.45
CA MET A 308 -12.08 -2.01 13.18
C MET A 308 -10.99 -1.81 14.23
N LEU A 309 -11.11 -0.74 15.00
CA LEU A 309 -10.06 -0.30 15.94
C LEU A 309 -10.42 -0.54 17.40
N ARG A 310 -11.71 -0.43 17.71
CA ARG A 310 -12.14 -0.45 19.11
C ARG A 310 -11.70 -1.70 19.88
N PRO A 311 -11.72 -2.89 19.25
CA PRO A 311 -11.30 -4.02 20.12
C PRO A 311 -9.80 -4.03 20.48
N TRP A 312 -8.92 -3.62 19.58
CA TRP A 312 -7.51 -3.49 19.90
C TRP A 312 -7.31 -2.43 20.98
N ALA A 313 -7.95 -1.27 20.78
CA ALA A 313 -7.87 -0.15 21.72
C ALA A 313 -8.36 -0.57 23.11
N LYS A 314 -9.44 -1.34 23.13
CA LYS A 314 -9.99 -1.88 24.37
C LYS A 314 -8.96 -2.74 25.13
N ALA A 315 -8.26 -3.61 24.40
CA ALA A 315 -7.33 -4.56 25.01
C ALA A 315 -5.96 -3.94 25.27
N PHE A 316 -5.53 -3.05 24.39
CA PHE A 316 -4.11 -2.69 24.34
C PHE A 316 -3.84 -1.20 24.50
N GLY A 317 -4.89 -0.39 24.45
CA GLY A 317 -4.72 1.06 24.41
C GLY A 317 -4.20 1.58 23.07
N LEU A 318 -3.77 2.84 23.05
CA LEU A 318 -3.42 3.51 21.81
C LEU A 318 -2.02 4.07 21.88
N ASP A 319 -1.25 3.67 22.90
CA ASP A 319 0.11 4.19 23.06
C ASP A 319 1.21 3.23 22.65
N ARG A 320 1.07 1.97 23.02
CA ARG A 320 2.11 0.98 22.76
C ARG A 320 1.57 -0.29 22.14
N PRO A 321 1.46 -0.35 20.80
CA PRO A 321 1.94 0.64 19.82
C PRO A 321 1.02 1.82 19.56
N ARG A 322 1.56 2.86 18.93
CA ARG A 322 0.74 3.88 18.29
C ARG A 322 0.17 3.32 16.99
N LEU A 323 -1.08 3.68 16.70
CA LEU A 323 -1.75 3.24 15.48
C LEU A 323 -1.87 4.46 14.56
N VAL A 324 -1.54 4.30 13.28
CA VAL A 324 -1.52 5.46 12.40
C VAL A 324 -2.17 5.10 11.09
N ASN A 325 -3.32 5.71 10.82
CA ASN A 325 -3.99 5.54 9.54
C ASN A 325 -3.20 6.25 8.46
N GLY A 326 -3.10 5.63 7.29
CA GLY A 326 -2.37 6.23 6.20
C GLY A 326 -3.17 6.11 4.92
N TYR A 327 -3.15 7.17 4.12
CA TYR A 327 -3.74 7.13 2.80
C TYR A 327 -2.69 7.49 1.78
N GLY A 328 -2.66 6.76 0.67
CA GLY A 328 -1.73 7.04 -0.39
C GLY A 328 -2.01 6.25 -1.64
N ILE A 329 -1.28 6.55 -2.72
CA ILE A 329 -1.47 5.88 -4.00
C ILE A 329 -0.12 5.70 -4.72
N THR A 330 -0.03 4.72 -5.61
CA THR A 330 1.24 4.52 -6.31
C THR A 330 1.73 5.81 -7.01
N GLU A 331 0.80 6.54 -7.63
CA GLU A 331 1.15 7.74 -8.39
C GLU A 331 1.77 8.86 -7.58
N THR A 332 1.57 8.86 -6.27
CA THR A 332 2.22 9.86 -5.41
C THR A 332 3.15 9.25 -4.35
N THR A 333 3.78 8.14 -4.71
CA THR A 333 4.80 7.46 -3.91
C THR A 333 4.31 7.05 -2.52
N VAL A 334 3.33 6.14 -2.52
CA VAL A 334 3.04 5.28 -1.37
C VAL A 334 2.10 5.93 -0.35
N PHE A 335 2.55 6.97 0.34
CA PHE A 335 1.70 7.64 1.30
C PHE A 335 1.61 9.17 1.06
N THR A 336 0.46 9.73 1.39
CA THR A 336 0.17 11.15 1.16
C THR A 336 -0.22 11.81 2.44
N THR A 337 -1.16 11.19 3.16
CA THR A 337 -1.59 11.71 4.46
C THR A 337 -1.46 10.66 5.56
N PHE A 338 -1.38 11.14 6.79
CA PHE A 338 -1.44 10.27 7.97
C PHE A 338 -2.34 10.84 9.05
N GLU A 339 -2.97 9.96 9.80
CA GLU A 339 -3.72 10.32 11.00
C GLU A 339 -3.40 9.34 12.12
N GLU A 340 -2.74 9.83 13.17
CA GLU A 340 -2.51 8.99 14.33
C GLU A 340 -3.83 8.77 15.07
N ILE A 341 -4.14 7.53 15.41
CA ILE A 341 -5.41 7.20 16.03
C ILE A 341 -5.43 7.68 17.50
N THR A 342 -6.54 8.28 17.90
CA THR A 342 -6.72 8.83 19.26
C THR A 342 -8.08 8.41 19.78
N GLU A 343 -8.37 8.79 21.02
CA GLU A 343 -9.70 8.54 21.59
C GLU A 343 -10.80 9.21 20.77
N ALA A 344 -10.54 10.43 20.31
CA ALA A 344 -11.47 11.12 19.42
C ALA A 344 -11.78 10.31 18.16
N TYR A 345 -10.76 9.68 17.56
CA TYR A 345 -11.01 8.87 16.37
C TYR A 345 -12.03 7.76 16.66
N LEU A 346 -11.88 7.11 17.81
CA LEU A 346 -12.75 6.00 18.16
C LEU A 346 -14.20 6.46 18.46
N ALA A 347 -14.36 7.75 18.72
CA ALA A 347 -15.66 8.32 19.08
C ALA A 347 -16.43 8.87 17.87
N GLN A 348 -15.83 8.80 16.68
CA GLN A 348 -16.54 9.22 15.47
C GLN A 348 -16.66 8.05 14.48
N ASP A 349 -17.49 8.22 13.45
CA ASP A 349 -17.91 7.08 12.62
C ASP A 349 -17.45 7.12 11.15
N ALA A 350 -16.49 7.99 10.85
CA ALA A 350 -15.94 8.11 9.50
C ALA A 350 -14.49 7.60 9.41
N SER A 351 -13.96 7.55 8.20
CA SER A 351 -12.56 7.19 8.02
C SER A 351 -11.73 8.45 7.82
N ILE A 352 -10.91 8.78 8.81
CA ILE A 352 -10.13 10.01 8.75
C ILE A 352 -8.68 9.70 8.38
N ILE A 353 -8.27 10.21 7.22
CA ILE A 353 -6.93 9.92 6.71
C ILE A 353 -5.88 10.96 7.14
N GLY A 354 -6.33 12.10 7.68
CA GLY A 354 -5.43 13.03 8.36
C GLY A 354 -4.84 14.10 7.46
N ARG A 355 -3.61 14.53 7.75
CA ARG A 355 -3.00 15.66 7.03
C ARG A 355 -1.93 15.22 6.03
N ALA A 356 -1.80 15.95 4.93
CA ALA A 356 -0.78 15.65 3.92
C ALA A 356 0.65 15.88 4.42
N LEU A 357 1.55 14.98 4.01
CA LEU A 357 2.97 15.14 4.26
C LEU A 357 3.45 16.46 3.68
N PRO A 358 4.58 16.99 4.20
CA PRO A 358 4.99 18.35 3.89
C PRO A 358 5.34 18.64 2.44
N SER A 359 5.56 17.62 1.61
CA SER A 359 5.90 17.88 0.22
C SER A 359 4.64 18.27 -0.59
N PHE A 360 3.46 17.99 -0.06
CA PHE A 360 2.25 18.04 -0.90
C PHE A 360 1.56 19.40 -0.88
N GLY A 361 1.06 19.80 -2.03
CA GLY A 361 -0.01 20.79 -2.11
C GLY A 361 -1.26 19.97 -2.38
N THR A 362 -2.43 20.49 -1.98
CA THR A 362 -3.69 19.78 -2.16
C THR A 362 -4.81 20.68 -2.70
N ARG A 363 -5.75 20.08 -3.42
CA ARG A 363 -7.04 20.74 -3.71
C ARG A 363 -8.14 19.72 -3.52
N VAL A 364 -9.31 20.19 -3.11
CA VAL A 364 -10.53 19.38 -3.16
C VAL A 364 -11.45 20.00 -4.20
N VAL A 365 -11.72 19.27 -5.28
CA VAL A 365 -12.22 19.88 -6.52
C VAL A 365 -13.61 19.44 -6.98
N GLY A 366 -14.48 20.41 -7.20
CA GLY A 366 -15.83 20.18 -7.66
C GLY A 366 -15.93 19.63 -9.08
N ASP A 367 -17.16 19.34 -9.50
CA ASP A 367 -17.41 18.80 -10.83
C ASP A 367 -17.24 19.82 -11.95
N ASP A 368 -17.40 21.09 -11.61
CA ASP A 368 -17.13 22.18 -12.54
C ASP A 368 -15.63 22.42 -12.70
N GLY A 369 -14.81 21.73 -11.92
CA GLY A 369 -13.36 21.90 -11.97
C GLY A 369 -12.80 22.95 -11.02
N ARG A 370 -13.66 23.48 -10.15
CA ARG A 370 -13.23 24.52 -9.24
C ARG A 370 -13.21 23.98 -7.81
N ASP A 371 -12.41 24.59 -6.93
CA ASP A 371 -12.31 24.12 -5.54
C ASP A 371 -13.70 24.07 -4.91
N VAL A 372 -13.83 23.35 -3.81
CA VAL A 372 -15.10 23.25 -3.12
C VAL A 372 -15.06 24.06 -1.84
N ALA A 373 -16.22 24.32 -1.26
CA ALA A 373 -16.28 25.01 0.01
C ALA A 373 -15.78 24.09 1.11
N PRO A 374 -14.89 24.60 1.97
CA PRO A 374 -14.35 23.72 3.00
C PRO A 374 -15.48 22.97 3.69
N GLY A 375 -15.30 21.66 3.86
CA GLY A 375 -16.29 20.84 4.54
C GLY A 375 -17.09 20.02 3.56
N GLU A 376 -17.09 20.40 2.28
CA GLU A 376 -17.84 19.63 1.33
C GLU A 376 -16.92 18.68 0.57
N THR A 377 -17.53 17.68 -0.05
CA THR A 377 -16.79 16.59 -0.69
C THR A 377 -16.42 16.97 -2.12
N GLY A 378 -15.18 16.71 -2.50
CA GLY A 378 -14.74 16.83 -3.88
C GLY A 378 -13.62 15.85 -4.17
N GLU A 379 -13.06 15.93 -5.37
CA GLU A 379 -11.98 15.02 -5.76
C GLU A 379 -10.67 15.60 -5.25
N LEU A 380 -9.91 14.74 -4.58
CA LEU A 380 -8.59 15.14 -4.10
C LEU A 380 -7.61 15.29 -5.27
N TRP A 381 -6.94 16.44 -5.31
CA TRP A 381 -5.87 16.67 -6.29
C TRP A 381 -4.59 16.92 -5.52
N LEU A 382 -3.48 16.38 -6.03
CA LEU A 382 -2.21 16.47 -5.30
C LEU A 382 -1.07 17.04 -6.15
N SER A 383 -0.20 17.84 -5.52
CA SER A 383 0.96 18.41 -6.18
C SER A 383 2.21 18.23 -5.33
N GLY A 384 3.39 18.21 -5.96
CA GLY A 384 4.62 18.22 -5.20
C GLY A 384 5.66 17.18 -5.58
N ALA A 385 6.74 17.17 -4.81
CA ALA A 385 7.89 16.28 -5.06
C ALA A 385 7.58 14.77 -5.11
N GLN A 386 6.50 14.33 -4.47
CA GLN A 386 6.19 12.88 -4.46
C GLN A 386 5.40 12.40 -5.67
N LEU A 387 4.99 13.33 -6.54
CA LEU A 387 4.24 12.93 -7.71
C LEU A 387 5.13 12.25 -8.73
N ALA A 388 4.64 11.16 -9.32
CA ALA A 388 5.37 10.49 -10.37
C ALA A 388 5.31 11.38 -11.61
N GLU A 389 6.12 11.07 -12.61
CA GLU A 389 6.18 11.91 -13.80
C GLU A 389 5.04 11.63 -14.78
N GLY A 390 4.30 10.55 -14.52
CA GLY A 390 3.17 10.18 -15.35
C GLY A 390 3.17 8.68 -15.48
N TYR A 391 2.30 8.14 -16.34
CA TYR A 391 2.28 6.72 -16.59
C TYR A 391 3.32 6.31 -17.63
N LEU A 392 3.52 5.01 -17.74
CA LEU A 392 4.44 4.46 -18.73
C LEU A 392 3.73 4.28 -20.07
N ARG A 393 4.20 4.98 -21.10
CA ARG A 393 3.68 4.81 -22.45
C ARG A 393 2.15 5.00 -22.48
N ARG A 394 1.65 6.02 -21.78
CA ARG A 394 0.22 6.35 -21.77
C ARG A 394 0.02 7.87 -21.80
N PRO A 395 0.37 8.49 -22.94
CA PRO A 395 0.41 9.95 -23.04
C PRO A 395 -0.97 10.55 -22.80
N GLU A 396 -1.99 9.86 -23.31
CA GLU A 396 -3.38 10.28 -23.19
C GLU A 396 -3.85 10.32 -21.73
N LEU A 397 -3.74 9.17 -21.07
CA LEU A 397 -4.09 9.06 -19.66
C LEU A 397 -3.29 10.06 -18.82
N THR A 398 -1.98 10.16 -19.05
CA THR A 398 -1.13 11.07 -18.27
C THR A 398 -1.56 12.54 -18.39
N ALA A 399 -1.99 12.96 -19.58
CA ALA A 399 -2.42 14.34 -19.77
C ALA A 399 -3.66 14.58 -18.93
N GLU A 400 -4.54 13.59 -18.94
CA GLU A 400 -5.77 13.68 -18.17
C GLU A 400 -5.57 13.66 -16.65
N LYS A 401 -4.73 12.74 -16.18
CA LYS A 401 -4.59 12.51 -14.73
C LYS A 401 -3.61 13.45 -14.06
N PHE A 402 -2.71 14.05 -14.84
CA PHE A 402 -1.70 14.97 -14.30
C PHE A 402 -1.82 16.38 -14.93
N PRO A 403 -2.91 17.09 -14.63
CA PRO A 403 -3.14 18.42 -15.20
C PRO A 403 -2.24 19.54 -14.65
N GLU A 404 -1.96 20.54 -15.48
CA GLU A 404 -1.33 21.78 -15.03
C GLU A 404 -2.41 22.81 -14.73
N VAL A 405 -2.13 23.69 -13.77
CA VAL A 405 -3.12 24.64 -13.31
C VAL A 405 -2.52 26.02 -12.98
N VAL A 414 1.25 25.07 -11.66
CA VAL A 414 1.38 23.93 -10.75
C VAL A 414 0.82 22.64 -11.35
N ARG A 415 1.64 21.59 -11.41
CA ARG A 415 1.23 20.27 -11.90
C ARG A 415 0.54 19.46 -10.81
N TYR A 416 -0.62 18.86 -11.13
CA TYR A 416 -1.39 18.11 -10.14
C TYR A 416 -1.63 16.69 -10.60
N TYR A 417 -1.90 15.83 -9.62
CA TYR A 417 -2.41 14.49 -9.89
C TYR A 417 -3.86 14.38 -9.38
N ARG A 418 -4.75 13.89 -10.25
CA ARG A 418 -6.14 13.65 -9.88
C ARG A 418 -6.27 12.23 -9.33
N THR A 419 -6.61 12.12 -8.03
CA THR A 419 -6.60 10.80 -7.37
C THR A 419 -7.74 9.87 -7.79
N GLY A 420 -8.84 10.42 -8.28
CA GLY A 420 -10.04 9.62 -8.46
C GLY A 420 -10.71 9.27 -7.13
N ASP A 421 -10.29 9.93 -6.04
CA ASP A 421 -10.83 9.72 -4.69
C ASP A 421 -11.55 10.98 -4.22
N LEU A 422 -12.70 10.77 -3.61
CA LEU A 422 -13.47 11.82 -2.97
C LEU A 422 -13.08 11.96 -1.51
N VAL A 423 -12.87 13.19 -1.07
CA VAL A 423 -12.52 13.47 0.32
C VAL A 423 -13.25 14.73 0.71
N SER A 424 -13.22 15.05 2.00
CA SER A 424 -13.77 16.32 2.47
C SER A 424 -12.81 16.81 3.53
N GLU A 425 -12.67 18.13 3.63
CA GLU A 425 -11.77 18.72 4.63
C GLU A 425 -12.46 18.88 5.97
N LEU A 426 -11.77 18.51 7.03
CA LEU A 426 -12.23 18.83 8.38
C LEU A 426 -11.70 20.22 8.76
N PRO A 427 -12.38 20.86 9.73
CA PRO A 427 -11.95 22.18 10.22
C PRO A 427 -10.57 22.17 10.90
N ASP A 428 -9.62 21.39 10.39
CA ASP A 428 -8.24 21.41 10.87
C ASP A 428 -7.31 21.43 9.68
N GLY A 429 -7.80 20.89 8.57
CA GLY A 429 -6.96 20.63 7.42
C GLY A 429 -6.84 19.13 7.22
N ARG A 430 -7.31 18.37 8.21
CA ARG A 430 -7.39 16.90 8.11
C ARG A 430 -8.42 16.54 7.06
N PHE A 431 -8.18 15.45 6.34
CA PHE A 431 -9.16 14.97 5.36
C PHE A 431 -9.91 13.75 5.88
N ALA A 432 -11.19 13.68 5.58
CA ALA A 432 -11.95 12.45 5.73
C ALA A 432 -12.01 11.82 4.36
N TYR A 433 -11.81 10.51 4.28
CA TYR A 433 -11.89 9.79 3.00
C TYR A 433 -13.33 9.38 2.74
N GLU A 434 -13.88 9.79 1.60
CA GLU A 434 -15.29 9.53 1.30
C GLU A 434 -15.49 8.24 0.50
N GLY A 435 -14.82 8.13 -0.64
CA GLY A 435 -14.93 6.95 -1.50
C GLY A 435 -14.31 7.22 -2.86
N ARG A 436 -14.48 6.32 -3.81
CA ARG A 436 -13.99 6.55 -5.16
C ARG A 436 -14.93 7.50 -5.89
N ALA A 437 -14.38 8.25 -6.85
CA ALA A 437 -15.12 9.32 -7.52
C ALA A 437 -15.91 8.82 -8.73
N ASP A 438 -15.78 7.53 -9.03
CA ASP A 438 -16.33 6.96 -10.25
C ASP A 438 -17.43 5.94 -9.93
N LEU A 439 -18.05 6.10 -8.77
CA LEU A 439 -19.05 5.14 -8.33
C LEU A 439 -20.47 5.68 -8.40
N GLN A 440 -20.68 6.78 -9.11
CA GLN A 440 -22.03 7.28 -9.31
C GLN A 440 -22.68 6.42 -10.39
N ILE A 441 -23.88 5.88 -10.12
CA ILE A 441 -24.59 5.17 -11.14
C ILE A 441 -25.94 5.83 -11.43
N LYS A 442 -26.57 5.42 -12.53
CA LYS A 442 -27.93 5.80 -12.82
C LYS A 442 -28.83 4.59 -12.68
N LEU A 443 -29.87 4.73 -11.86
CA LEU A 443 -30.78 3.60 -11.58
C LEU A 443 -32.20 4.10 -11.27
N ARG A 444 -33.20 3.53 -11.93
CA ARG A 444 -34.60 3.82 -11.58
C ARG A 444 -34.91 5.33 -11.51
N GLY A 445 -34.26 6.14 -12.34
CA GLY A 445 -34.63 7.54 -12.39
C GLY A 445 -33.83 8.44 -11.46
N TYR A 446 -32.79 7.87 -10.82
CA TYR A 446 -31.88 8.66 -9.99
C TYR A 446 -30.43 8.48 -10.36
N ARG A 447 -29.63 9.51 -10.09
CA ARG A 447 -28.19 9.34 -10.05
C ARG A 447 -27.90 8.95 -8.61
N ILE A 448 -27.15 7.88 -8.42
CA ILE A 448 -26.92 7.35 -7.08
C ILE A 448 -25.43 7.24 -6.76
N GLU A 449 -25.03 7.84 -5.66
CA GLU A 449 -23.63 7.82 -5.24
C GLU A 449 -23.44 6.58 -4.38
N LEU A 450 -22.91 5.53 -4.96
CA LEU A 450 -22.76 4.28 -4.22
C LEU A 450 -21.83 4.46 -3.03
N SER A 451 -20.81 5.29 -3.20
CA SER A 451 -19.85 5.56 -2.13
C SER A 451 -20.55 6.17 -0.93
N ASP A 452 -21.54 7.03 -1.17
CA ASP A 452 -22.36 7.55 -0.06
C ASP A 452 -23.09 6.44 0.71
N ILE A 453 -23.63 5.48 -0.03
CA ILE A 453 -24.38 4.37 0.60
C ILE A 453 -23.39 3.53 1.41
N GLU A 454 -22.23 3.25 0.84
CA GLU A 454 -21.19 2.46 1.54
C GLU A 454 -20.76 3.14 2.84
N THR A 455 -20.43 4.43 2.74
CA THR A 455 -20.17 5.27 3.91
C THR A 455 -21.26 5.19 4.97
N ALA A 456 -22.52 5.35 4.59
CA ALA A 456 -23.62 5.25 5.55
C ALA A 456 -23.65 3.87 6.22
N VAL A 457 -23.49 2.81 5.44
CA VAL A 457 -23.43 1.47 6.03
C VAL A 457 -22.24 1.33 7.01
N ARG A 458 -21.09 1.86 6.63
CA ARG A 458 -19.89 1.73 7.44
C ARG A 458 -19.97 2.53 8.74
N ARG A 459 -20.95 3.44 8.86
CA ARG A 459 -21.15 4.16 10.10
C ARG A 459 -21.68 3.23 11.18
N HIS A 460 -22.30 2.14 10.78
CA HIS A 460 -22.84 1.20 11.75
C HIS A 460 -21.74 0.61 12.62
N ASP A 461 -21.95 0.60 13.94
CA ASP A 461 -20.96 0.11 14.91
C ASP A 461 -20.53 -1.36 14.70
N ASP A 462 -21.43 -2.20 14.18
CA ASP A 462 -21.10 -3.61 14.02
C ASP A 462 -20.73 -4.03 12.60
N VAL A 463 -20.40 -3.05 11.77
CA VAL A 463 -19.97 -3.34 10.41
C VAL A 463 -18.50 -2.98 10.25
N VAL A 464 -17.73 -3.84 9.57
CA VAL A 464 -16.31 -3.54 9.35
C VAL A 464 -15.98 -3.47 7.87
N ASP A 465 -16.88 -3.93 7.02
CA ASP A 465 -16.71 -3.74 5.58
C ASP A 465 -18.06 -3.76 4.87
N ALA A 466 -18.11 -3.20 3.67
CA ALA A 466 -19.35 -3.17 2.91
C ALA A 466 -19.11 -2.80 1.46
N VAL A 467 -19.87 -3.43 0.58
CA VAL A 467 -19.83 -3.04 -0.82
C VAL A 467 -21.25 -3.05 -1.39
N VAL A 468 -21.60 -1.95 -2.05
CA VAL A 468 -22.93 -1.77 -2.60
C VAL A 468 -22.85 -1.88 -4.11
N THR A 469 -23.66 -2.76 -4.67
CA THR A 469 -23.72 -2.95 -6.11
C THR A 469 -25.16 -3.04 -6.59
N VAL A 470 -25.32 -3.33 -7.87
CA VAL A 470 -26.63 -3.45 -8.48
C VAL A 470 -26.79 -4.84 -9.08
N ARG A 471 -27.90 -5.50 -8.77
CA ARG A 471 -28.18 -6.83 -9.30
C ARG A 471 -29.64 -6.99 -9.75
N GLU A 472 -29.92 -7.98 -10.61
CA GLU A 472 -31.27 -8.21 -11.12
C GLU A 472 -32.16 -9.09 -10.22
N PHE A 473 -33.32 -8.58 -9.86
CA PHE A 473 -34.28 -9.33 -9.02
C PHE A 473 -35.32 -10.10 -9.84
N LYS A 474 -35.97 -9.39 -10.74
CA LYS A 474 -36.85 -9.97 -11.74
C LYS A 474 -36.39 -9.37 -13.04
N PRO A 475 -36.60 -10.06 -14.17
CA PRO A 475 -36.14 -9.49 -15.44
C PRO A 475 -36.49 -8.01 -15.54
N GLY A 476 -35.53 -7.19 -15.95
CA GLY A 476 -35.73 -5.76 -16.05
C GLY A 476 -35.95 -5.04 -14.72
N ASP A 477 -35.76 -5.76 -13.60
CA ASP A 477 -35.90 -5.18 -12.28
C ASP A 477 -34.58 -5.18 -11.50
N LEU A 478 -33.77 -4.13 -11.70
CA LEU A 478 -32.48 -4.02 -11.02
C LEU A 478 -32.58 -3.23 -9.70
N ARG A 479 -31.89 -3.72 -8.68
CA ARG A 479 -31.92 -3.04 -7.39
C ARG A 479 -30.54 -2.94 -6.73
N LEU A 480 -30.40 -1.96 -5.85
CA LEU A 480 -29.22 -1.82 -5.02
C LEU A 480 -29.19 -3.00 -4.05
N VAL A 481 -28.03 -3.61 -3.92
CA VAL A 481 -27.83 -4.60 -2.86
C VAL A 481 -26.52 -4.32 -2.13
N CYS A 482 -26.41 -4.80 -0.91
CA CYS A 482 -25.20 -4.56 -0.15
C CYS A 482 -24.68 -5.84 0.51
N ALA A 483 -23.46 -6.23 0.14
CA ALA A 483 -22.72 -7.28 0.85
C ALA A 483 -21.89 -6.61 1.94
N TYR A 484 -21.93 -7.15 3.15
CA TYR A 484 -21.22 -6.52 4.26
C TYR A 484 -20.59 -7.57 5.17
N VAL A 485 -19.69 -7.11 6.04
CA VAL A 485 -19.02 -7.99 7.00
C VAL A 485 -19.28 -7.47 8.41
N ALA A 486 -19.79 -8.35 9.26
CA ALA A 486 -20.08 -7.97 10.65
C ALA A 486 -18.79 -8.01 11.45
N ARG A 487 -18.61 -7.11 12.40
CA ARG A 487 -17.44 -7.15 13.26
C ARG A 487 -17.47 -8.43 14.11
N GLU A 488 -16.29 -8.89 14.51
CA GLU A 488 -16.19 -10.14 15.25
C GLU A 488 -17.02 -10.05 16.52
N GLY A 489 -17.79 -11.11 16.80
CA GLY A 489 -18.64 -11.13 17.98
C GLY A 489 -19.98 -10.41 17.84
N SER A 490 -20.42 -10.19 16.59
CA SER A 490 -21.72 -9.57 16.37
C SER A 490 -22.41 -10.25 15.20
N ALA A 491 -23.71 -9.97 15.04
CA ALA A 491 -24.49 -10.59 13.99
C ALA A 491 -25.66 -9.66 13.60
N THR A 492 -25.35 -8.63 12.84
CA THR A 492 -26.33 -7.63 12.46
C THR A 492 -27.18 -8.19 11.32
N THR A 493 -28.49 -8.05 11.43
CA THR A 493 -29.37 -8.60 10.40
C THR A 493 -29.64 -7.59 9.30
N ALA A 494 -30.23 -8.05 8.22
CA ALA A 494 -30.68 -7.16 7.15
C ALA A 494 -31.71 -6.15 7.67
N ARG A 495 -32.64 -6.60 8.51
CA ARG A 495 -33.65 -5.71 9.10
C ARG A 495 -33.00 -4.58 9.92
N GLU A 496 -32.01 -4.92 10.75
CA GLU A 496 -31.33 -3.92 11.57
C GLU A 496 -30.55 -2.91 10.74
N LEU A 497 -29.92 -3.39 9.65
CA LEU A 497 -29.18 -2.48 8.79
C LEU A 497 -30.10 -1.56 8.00
N ARG A 498 -31.25 -2.10 7.59
CA ARG A 498 -32.26 -1.28 6.92
C ARG A 498 -32.71 -0.18 7.86
N ASN A 499 -32.93 -0.51 9.13
CA ASN A 499 -33.35 0.45 10.13
C ASN A 499 -32.32 1.53 10.36
N HIS A 500 -31.04 1.14 10.36
CA HIS A 500 -29.94 2.10 10.49
C HIS A 500 -29.87 3.01 9.25
N ILE A 501 -29.98 2.44 8.07
CA ILE A 501 -29.83 3.23 6.85
C ILE A 501 -30.96 4.25 6.69
N LYS A 502 -32.16 3.91 7.15
CA LYS A 502 -33.28 4.84 6.97
C LYS A 502 -33.21 6.10 7.83
N THR A 503 -32.34 6.10 8.84
CA THR A 503 -32.09 7.30 9.62
C THR A 503 -31.11 8.23 8.91
N LEU A 504 -30.41 7.72 7.88
CA LEU A 504 -29.30 8.48 7.26
C LEU A 504 -29.52 8.92 5.82
N LEU A 505 -30.26 8.12 5.07
CA LEU A 505 -30.40 8.34 3.62
C LEU A 505 -31.86 8.31 3.14
N PRO A 506 -32.15 9.06 2.05
CA PRO A 506 -33.43 9.00 1.33
C PRO A 506 -33.67 7.60 0.78
N ALA A 507 -34.94 7.22 0.69
CA ALA A 507 -35.31 5.86 0.31
C ALA A 507 -34.78 5.37 -1.04
N TYR A 508 -34.59 6.27 -2.02
CA TYR A 508 -34.01 5.81 -3.29
C TYR A 508 -32.56 5.30 -3.19
N MET A 509 -31.91 5.57 -2.06
CA MET A 509 -30.54 5.09 -1.80
C MET A 509 -30.48 3.87 -0.85
N HIS A 510 -31.63 3.27 -0.57
CA HIS A 510 -31.65 2.16 0.38
C HIS A 510 -31.35 0.84 -0.33
N PRO A 511 -30.27 0.12 0.06
CA PRO A 511 -30.07 -1.23 -0.48
C PRO A 511 -31.34 -2.07 -0.32
N ALA A 512 -31.68 -2.86 -1.35
CA ALA A 512 -32.92 -3.63 -1.29
C ALA A 512 -32.71 -4.95 -0.55
N ARG A 513 -31.47 -5.41 -0.51
CA ARG A 513 -31.10 -6.63 0.20
C ARG A 513 -29.71 -6.49 0.81
N TYR A 514 -29.50 -7.17 1.92
CA TYR A 514 -28.19 -7.25 2.52
C TYR A 514 -27.72 -8.70 2.53
N LEU A 515 -26.41 -8.88 2.42
CA LEU A 515 -25.81 -10.20 2.39
C LEU A 515 -24.56 -10.21 3.29
N PRO A 516 -24.64 -10.87 4.45
CA PRO A 516 -23.48 -11.01 5.35
C PRO A 516 -22.48 -11.99 4.77
N LEU A 517 -21.22 -11.57 4.62
CA LEU A 517 -20.15 -12.46 4.18
C LEU A 517 -19.09 -12.56 5.30
N PRO A 518 -18.38 -13.69 5.38
CA PRO A 518 -17.36 -13.80 6.44
C PRO A 518 -16.22 -12.78 6.26
N GLY A 519 -15.99 -12.41 5.01
CA GLY A 519 -15.09 -11.33 4.62
C GLY A 519 -15.41 -11.06 3.16
N LEU A 520 -15.05 -9.89 2.63
CA LEU A 520 -15.33 -9.66 1.22
C LEU A 520 -14.27 -10.37 0.41
N PRO A 521 -14.67 -10.98 -0.72
CA PRO A 521 -13.68 -11.63 -1.59
C PRO A 521 -12.74 -10.58 -2.17
N ARG A 522 -11.45 -10.91 -2.30
CA ARG A 522 -10.52 -9.92 -2.83
C ARG A 522 -9.67 -10.44 -4.00
N THR A 523 -9.19 -9.51 -4.81
CA THR A 523 -8.28 -9.84 -5.90
C THR A 523 -6.86 -9.99 -5.37
N VAL A 524 -5.92 -10.25 -6.28
CA VAL A 524 -4.51 -10.36 -5.92
C VAL A 524 -3.99 -9.01 -5.39
N ASN A 525 -4.44 -7.91 -6.02
CA ASN A 525 -4.12 -6.57 -5.51
C ASN A 525 -4.94 -6.16 -4.28
N GLY A 526 -5.84 -7.03 -3.84
CA GLY A 526 -6.61 -6.82 -2.61
C GLY A 526 -7.78 -5.89 -2.78
N LYS A 527 -8.24 -5.74 -4.02
CA LYS A 527 -9.22 -4.72 -4.40
C LYS A 527 -10.71 -5.08 -4.29
N VAL A 528 -11.05 -6.18 -3.62
CA VAL A 528 -12.44 -6.63 -3.60
C VAL A 528 -12.86 -7.18 -4.96
N ASP A 529 -13.05 -8.49 -5.01
CA ASP A 529 -13.30 -9.22 -6.25
C ASP A 529 -14.77 -9.08 -6.61
N ARG A 530 -15.08 -8.15 -7.51
CA ARG A 530 -16.48 -7.85 -7.81
C ARG A 530 -17.16 -8.94 -8.62
N ALA A 531 -16.39 -9.75 -9.33
CA ALA A 531 -16.96 -10.92 -9.99
C ALA A 531 -17.39 -11.92 -8.93
N ALA A 532 -16.58 -12.04 -7.88
CA ALA A 532 -16.86 -12.99 -6.81
C ALA A 532 -18.05 -12.54 -5.97
N VAL A 533 -18.21 -11.23 -5.75
CA VAL A 533 -19.35 -10.72 -4.99
C VAL A 533 -20.64 -11.02 -5.74
N ALA A 534 -20.62 -10.75 -7.06
CA ALA A 534 -21.72 -11.12 -7.94
C ALA A 534 -22.09 -12.58 -7.73
N ARG A 535 -21.10 -13.47 -7.76
CA ARG A 535 -21.42 -14.89 -7.61
C ARG A 535 -21.99 -15.19 -6.23
N SER A 536 -21.47 -14.50 -5.20
CA SER A 536 -21.99 -14.66 -3.85
C SER A 536 -23.47 -14.33 -3.85
N TRP A 537 -23.83 -13.23 -4.48
CA TRP A 537 -25.24 -12.91 -4.70
C TRP A 537 -25.85 -13.95 -5.66
#